data_3QWW
#
_entry.id   3QWW
#
_cell.length_a   57.520
_cell.length_b   75.150
_cell.length_c   112.520
_cell.angle_alpha   90.00
_cell.angle_beta   90.00
_cell.angle_gamma   90.00
#
_symmetry.space_group_name_H-M   'P 21 21 21'
#
loop_
_entity.id
_entity.type
_entity.pdbx_description
1 polymer 'SET and MYND domain-containing protein 2'
2 non-polymer SINEFUNGIN
3 non-polymer 'ZINC ION'
4 water water
#
_entity_poly.entity_id   1
_entity_poly.type   'polypeptide(L)'
_entity_poly.pdbx_seq_one_letter_code
;MRAEARGGLERFCSAGKGRGLRALRPFHVGDLLFSCPAYACVLTVGERGHHCECCFARKEGLSKCGRCKQAFYCDVECQK
EDWPLHKLECSSMVVLGENWNPSETVRLTARILAKQKIHPERTPSEKLLAVREFESHLDKLDNEKKDLIQSDIAALHQFY
SKYLEFPDHSSLVVLFAQVNCNGFTIEDEELSHLGSAIFPDVALMNHSCCPNVIVTYKGTLAEVRAVQEIHPGDEVFTSY
IDLLYPTEDRNDRLRDSYFFTCECRECTTKDKDKAKVEVRKLSSPPQAEAIRDMVRYARNVIEEFRRAKHYKSPSELLEI
CELSQEKMSSVFEDSNVYMLHMMYQAMGVCLYMQDWEGALKYGQKIIKPYSKHYPVYSLNVASMWLKLGRLYMGLENKAA
GEKALKKAIAIMEVAHGKDHPYISEIKQEIESH
;
_entity_poly.pdbx_strand_id   A
#
# COMPACT_ATOMS: atom_id res chain seq x y z
N ALA A 3 -10.05 -11.07 31.12
CA ALA A 3 -9.23 -11.45 29.96
C ALA A 3 -8.93 -10.26 29.03
N GLU A 4 -7.77 -10.32 28.33
CA GLU A 4 -7.33 -9.30 27.37
C GLU A 4 -7.91 -9.64 26.01
N ALA A 5 -8.51 -8.64 25.31
CA ALA A 5 -9.06 -8.83 23.95
C ALA A 5 -7.90 -9.23 23.02
N ARG A 6 -6.79 -8.45 23.07
CA ARG A 6 -5.55 -8.72 22.35
C ARG A 6 -4.43 -8.66 23.39
N GLY A 7 -3.78 -9.80 23.64
CA GLY A 7 -2.73 -9.92 24.64
C GLY A 7 -1.61 -8.92 24.46
N GLY A 8 -1.23 -8.27 25.56
CA GLY A 8 -0.16 -7.30 25.63
C GLY A 8 -0.45 -5.96 25.02
N LEU A 9 -1.72 -5.70 24.64
CA LEU A 9 -2.13 -4.44 24.00
C LEU A 9 -3.45 -3.97 24.51
N GLU A 10 -3.72 -2.67 24.35
CA GLU A 10 -5.03 -2.08 24.64
C GLU A 10 -5.30 -0.87 23.79
N ARG A 11 -6.57 -0.58 23.59
CA ARG A 11 -6.99 0.65 22.96
C ARG A 11 -6.92 1.74 24.03
N PHE A 12 -6.53 2.94 23.64
CA PHE A 12 -6.43 4.03 24.60
C PHE A 12 -6.67 5.37 23.95
N CYS A 13 -6.77 6.44 24.76
CA CYS A 13 -6.93 7.75 24.19
C CYS A 13 -5.60 8.47 24.12
N SER A 14 -5.11 8.63 22.89
CA SER A 14 -3.88 9.35 22.55
C SER A 14 -4.21 10.84 22.37
N ALA A 15 -3.70 11.70 23.28
CA ALA A 15 -4.01 13.14 23.30
C ALA A 15 -3.64 13.85 21.98
N GLY A 16 -4.64 14.44 21.32
CA GLY A 16 -4.47 15.10 20.04
C GLY A 16 -4.52 14.15 18.86
N LYS A 17 -4.65 12.83 19.11
CA LYS A 17 -4.71 11.82 18.03
C LYS A 17 -5.88 10.86 18.19
N GLY A 18 -6.91 11.27 18.91
CA GLY A 18 -8.08 10.42 19.14
C GLY A 18 -7.77 9.15 19.87
N ARG A 19 -8.21 8.02 19.32
CA ARG A 19 -7.98 6.72 19.94
C ARG A 19 -6.73 6.13 19.29
N GLY A 20 -6.01 5.32 20.03
CA GLY A 20 -4.79 4.66 19.54
C GLY A 20 -4.55 3.31 20.16
N LEU A 21 -3.42 2.72 19.83
CA LEU A 21 -3.05 1.41 20.31
C LEU A 21 -1.82 1.58 21.20
N ARG A 22 -1.84 0.96 22.38
CA ARG A 22 -0.73 1.04 23.35
C ARG A 22 -0.25 -0.36 23.71
N ALA A 23 1.07 -0.52 23.90
CA ALA A 23 1.65 -1.79 24.35
C ALA A 23 1.56 -1.84 25.92
N LEU A 24 1.29 -3.01 26.46
CA LEU A 24 1.18 -3.30 27.92
C LEU A 24 2.45 -3.95 28.44
N ARG A 25 3.16 -4.61 27.54
CA ARG A 25 4.37 -5.36 27.82
C ARG A 25 5.44 -4.96 26.76
N PRO A 26 6.73 -5.26 26.96
CA PRO A 26 7.70 -4.88 25.92
C PRO A 26 7.59 -5.74 24.67
N PHE A 27 7.83 -5.12 23.51
CA PHE A 27 7.92 -5.83 22.25
C PHE A 27 9.32 -5.44 21.73
N HIS A 28 10.05 -6.40 21.22
CA HIS A 28 11.37 -6.18 20.68
C HIS A 28 11.36 -6.37 19.16
N VAL A 29 12.42 -5.99 18.48
CA VAL A 29 12.49 -6.10 17.00
C VAL A 29 12.15 -7.47 16.48
N GLY A 30 11.20 -7.50 15.55
CA GLY A 30 10.70 -8.70 14.90
C GLY A 30 9.54 -9.38 15.60
N ASP A 31 9.17 -8.92 16.81
CA ASP A 31 8.07 -9.56 17.57
C ASP A 31 6.72 -9.24 16.94
N LEU A 32 5.84 -10.24 16.88
CA LEU A 32 4.49 -10.08 16.37
C LEU A 32 3.60 -9.53 17.48
N LEU A 33 3.03 -8.33 17.27
CA LEU A 33 2.12 -7.72 18.23
C LEU A 33 0.76 -8.39 18.16
N PHE A 34 0.19 -8.49 16.93
CA PHE A 34 -1.11 -9.11 16.69
C PHE A 34 -1.28 -9.37 15.22
N SER A 35 -2.31 -10.17 14.89
CA SER A 35 -2.70 -10.41 13.50
C SER A 35 -4.19 -10.12 13.42
N CYS A 36 -4.64 -9.76 12.23
CA CYS A 36 -6.01 -9.33 12.04
C CYS A 36 -6.54 -9.79 10.70
N PRO A 37 -7.56 -10.68 10.68
CA PRO A 37 -8.12 -11.13 9.39
C PRO A 37 -8.84 -9.96 8.73
N ALA A 38 -8.93 -9.96 7.40
CA ALA A 38 -9.63 -8.88 6.70
C ALA A 38 -11.14 -8.92 6.99
N TYR A 39 -11.70 -7.75 7.37
CA TYR A 39 -13.15 -7.63 7.58
C TYR A 39 -13.83 -7.74 6.21
N ALA A 40 -13.19 -7.15 5.19
CA ALA A 40 -13.66 -7.17 3.81
C ALA A 40 -12.44 -6.94 2.97
N CYS A 41 -12.40 -7.53 1.80
CA CYS A 41 -11.28 -7.32 0.87
C CYS A 41 -11.72 -7.63 -0.53
N VAL A 42 -11.02 -7.04 -1.48
CA VAL A 42 -11.33 -7.24 -2.90
C VAL A 42 -10.05 -7.28 -3.69
N LEU A 43 -9.91 -8.30 -4.54
CA LEU A 43 -8.74 -8.44 -5.40
C LEU A 43 -8.81 -7.44 -6.54
N THR A 44 -7.69 -6.81 -6.85
CA THR A 44 -7.59 -5.81 -7.94
C THR A 44 -7.87 -6.51 -9.30
N VAL A 45 -8.53 -5.79 -10.23
CA VAL A 45 -8.92 -6.39 -11.53
C VAL A 45 -7.76 -7.02 -12.30
N GLY A 46 -6.60 -6.33 -12.28
CA GLY A 46 -5.37 -6.74 -12.94
C GLY A 46 -4.84 -8.10 -12.52
N GLU A 47 -5.18 -8.54 -11.30
CA GLU A 47 -4.75 -9.83 -10.75
C GLU A 47 -5.73 -10.99 -10.94
N ARG A 48 -6.89 -10.75 -11.58
CA ARG A 48 -7.87 -11.84 -11.81
C ARG A 48 -7.23 -12.96 -12.62
N GLY A 49 -7.44 -14.20 -12.22
CA GLY A 49 -6.88 -15.34 -12.93
C GLY A 49 -5.46 -15.70 -12.53
N HIS A 50 -4.82 -14.82 -11.73
CA HIS A 50 -3.44 -14.96 -11.25
C HIS A 50 -3.39 -15.20 -9.75
N HIS A 51 -4.33 -14.58 -8.99
CA HIS A 51 -4.45 -14.73 -7.54
C HIS A 51 -5.87 -15.12 -7.18
N CYS A 52 -6.05 -15.92 -6.12
CA CYS A 52 -7.39 -16.32 -5.68
C CYS A 52 -8.18 -15.08 -5.26
N GLU A 53 -9.41 -14.92 -5.75
CA GLU A 53 -10.29 -13.81 -5.43
C GLU A 53 -10.58 -13.74 -3.91
N CYS A 54 -10.53 -14.87 -3.19
CA CYS A 54 -10.84 -14.91 -1.78
C CYS A 54 -9.65 -14.61 -0.85
N CYS A 55 -8.60 -15.41 -0.94
CA CYS A 55 -7.47 -15.35 -0.02
C CYS A 55 -6.22 -14.68 -0.59
N PHE A 56 -6.23 -14.29 -1.88
CA PHE A 56 -5.14 -13.65 -2.61
C PHE A 56 -3.93 -14.55 -2.83
N ALA A 57 -4.07 -15.89 -2.69
CA ALA A 57 -2.95 -16.80 -2.96
C ALA A 57 -2.55 -16.74 -4.44
N ARG A 58 -1.23 -16.68 -4.71
CA ARG A 58 -0.67 -16.68 -6.07
C ARG A 58 -0.50 -18.15 -6.44
N LYS A 59 -1.38 -18.66 -7.28
CA LYS A 59 -1.36 -20.06 -7.69
C LYS A 59 -1.65 -20.20 -9.16
N GLU A 60 -1.02 -21.22 -9.78
CA GLU A 60 -1.27 -21.62 -11.16
C GLU A 60 -2.44 -22.60 -11.05
N GLY A 61 -3.27 -22.68 -12.08
CA GLY A 61 -4.39 -23.61 -12.09
C GLY A 61 -5.49 -23.35 -11.09
N LEU A 62 -5.91 -22.08 -10.97
CA LEU A 62 -7.03 -21.70 -10.09
C LEU A 62 -8.33 -22.15 -10.78
N SER A 63 -9.30 -22.65 -10.01
CA SER A 63 -10.59 -23.06 -10.56
C SER A 63 -11.50 -21.82 -10.70
N LYS A 64 -12.09 -21.60 -11.89
CA LYS A 64 -12.94 -20.44 -12.14
C LYS A 64 -14.41 -20.64 -11.76
N CYS A 65 -15.15 -19.51 -11.57
CA CYS A 65 -16.59 -19.57 -11.32
C CYS A 65 -17.26 -20.03 -12.61
N GLY A 66 -18.07 -21.08 -12.52
CA GLY A 66 -18.80 -21.65 -13.66
C GLY A 66 -19.70 -20.72 -14.42
N ARG A 67 -20.36 -19.77 -13.72
CA ARG A 67 -21.28 -18.83 -14.35
C ARG A 67 -20.66 -17.66 -15.08
N CYS A 68 -19.86 -16.84 -14.38
CA CYS A 68 -19.26 -15.65 -15.00
C CYS A 68 -17.93 -15.92 -15.64
N LYS A 69 -17.24 -17.01 -15.23
CA LYS A 69 -15.90 -17.39 -15.73
C LYS A 69 -14.88 -16.25 -15.55
N GLN A 70 -15.08 -15.39 -14.54
CA GLN A 70 -14.27 -14.19 -14.27
C GLN A 70 -13.59 -14.26 -12.89
N ALA A 71 -14.27 -14.83 -11.89
CA ALA A 71 -13.74 -15.00 -10.52
C ALA A 71 -13.00 -16.36 -10.46
N PHE A 72 -11.75 -16.34 -9.92
CA PHE A 72 -10.89 -17.52 -9.79
C PHE A 72 -10.55 -17.82 -8.34
N TYR A 73 -10.50 -19.12 -7.98
CA TYR A 73 -10.32 -19.59 -6.61
C TYR A 73 -9.37 -20.78 -6.46
N CYS A 74 -8.73 -20.90 -5.27
CA CYS A 74 -7.84 -21.99 -4.85
C CYS A 74 -8.57 -23.32 -5.00
N ASP A 75 -9.77 -23.37 -4.44
CA ASP A 75 -10.61 -24.55 -4.36
C ASP A 75 -12.04 -24.13 -4.05
N VAL A 76 -12.94 -25.11 -3.90
CA VAL A 76 -14.35 -24.86 -3.57
C VAL A 76 -14.47 -24.15 -2.22
N GLU A 77 -13.55 -24.41 -1.26
CA GLU A 77 -13.62 -23.72 0.04
C GLU A 77 -13.46 -22.20 -0.08
N CYS A 78 -12.47 -21.73 -0.86
CA CYS A 78 -12.31 -20.29 -1.11
C CYS A 78 -13.54 -19.73 -1.90
N GLN A 79 -14.05 -20.51 -2.86
CA GLN A 79 -15.23 -20.11 -3.66
C GLN A 79 -16.46 -19.90 -2.77
N LYS A 80 -16.68 -20.81 -1.81
CA LYS A 80 -17.79 -20.76 -0.87
C LYS A 80 -17.64 -19.59 0.08
N GLU A 81 -16.41 -19.34 0.60
CA GLU A 81 -16.22 -18.20 1.52
C GLU A 81 -16.52 -16.88 0.81
N ASP A 82 -16.10 -16.76 -0.45
CA ASP A 82 -16.33 -15.56 -1.26
C ASP A 82 -17.74 -15.40 -1.82
N TRP A 83 -18.53 -16.49 -1.93
CA TRP A 83 -19.87 -16.44 -2.52
C TRP A 83 -20.81 -15.33 -2.04
N PRO A 84 -20.94 -15.02 -0.73
CA PRO A 84 -21.78 -13.87 -0.31
C PRO A 84 -21.39 -12.55 -0.97
N LEU A 85 -20.13 -12.42 -1.39
CA LEU A 85 -19.62 -11.21 -2.01
C LEU A 85 -19.62 -11.31 -3.52
N HIS A 86 -19.11 -12.43 -4.04
CA HIS A 86 -19.10 -12.66 -5.47
C HIS A 86 -20.52 -12.65 -6.09
N LYS A 87 -21.53 -13.12 -5.33
CA LYS A 87 -22.92 -13.16 -5.82
C LYS A 87 -23.51 -11.78 -6.14
N LEU A 88 -22.89 -10.72 -5.57
CA LEU A 88 -23.28 -9.32 -5.81
C LEU A 88 -22.75 -8.83 -7.16
N GLU A 89 -21.83 -9.58 -7.78
CA GLU A 89 -21.17 -9.15 -9.01
C GLU A 89 -21.30 -10.12 -10.18
N CYS A 90 -21.38 -11.43 -9.86
CA CYS A 90 -21.43 -12.54 -10.80
C CYS A 90 -22.34 -12.27 -11.98
N SER A 91 -23.65 -12.14 -11.73
CA SER A 91 -24.68 -11.91 -12.75
C SER A 91 -24.43 -10.63 -13.56
N SER A 92 -23.98 -9.54 -12.89
CA SER A 92 -23.67 -8.28 -13.52
C SER A 92 -22.49 -8.40 -14.47
N MET A 93 -21.49 -9.24 -14.12
CA MET A 93 -20.33 -9.43 -14.98
C MET A 93 -20.70 -10.26 -16.24
N VAL A 94 -21.76 -11.10 -16.15
CA VAL A 94 -22.25 -11.91 -17.29
C VAL A 94 -22.98 -10.99 -18.27
N VAL A 95 -24.00 -10.24 -17.78
CA VAL A 95 -24.84 -9.31 -18.54
C VAL A 95 -23.96 -8.23 -19.20
N LEU A 96 -23.37 -7.33 -18.39
CA LEU A 96 -22.47 -6.28 -18.87
C LEU A 96 -21.07 -6.90 -18.95
N GLY A 97 -20.38 -6.71 -20.05
CA GLY A 97 -19.05 -7.26 -20.22
C GLY A 97 -18.02 -6.36 -19.57
N GLU A 98 -17.27 -5.61 -20.40
CA GLU A 98 -16.29 -4.64 -19.93
C GLU A 98 -17.00 -3.35 -19.48
N ASN A 99 -18.32 -3.27 -19.69
CA ASN A 99 -19.16 -2.15 -19.29
C ASN A 99 -19.42 -2.14 -17.75
N TRP A 100 -19.15 -3.27 -17.08
CA TRP A 100 -19.30 -3.39 -15.63
C TRP A 100 -17.94 -3.12 -15.02
N ASN A 101 -17.70 -1.84 -14.71
CA ASN A 101 -16.43 -1.41 -14.17
C ASN A 101 -16.51 -0.53 -12.88
N PRO A 102 -17.11 -0.99 -11.78
CA PRO A 102 -17.05 -0.19 -10.55
C PRO A 102 -15.59 -0.10 -10.07
N SER A 103 -15.16 1.08 -9.56
CA SER A 103 -13.82 1.28 -9.02
C SER A 103 -13.57 0.30 -7.84
N GLU A 104 -12.31 0.08 -7.51
CA GLU A 104 -11.92 -0.80 -6.41
C GLU A 104 -12.54 -0.38 -5.08
N THR A 105 -12.54 0.94 -4.78
CA THR A 105 -13.12 1.51 -3.56
C THR A 105 -14.63 1.21 -3.48
N VAL A 106 -15.34 1.35 -4.61
CA VAL A 106 -16.78 1.08 -4.71
C VAL A 106 -17.04 -0.44 -4.45
N ARG A 107 -16.21 -1.31 -5.05
CA ARG A 107 -16.32 -2.79 -4.85
C ARG A 107 -16.08 -3.16 -3.37
N LEU A 108 -15.10 -2.49 -2.75
CA LEU A 108 -14.81 -2.73 -1.34
C LEU A 108 -15.97 -2.30 -0.46
N THR A 109 -16.54 -1.10 -0.76
CA THR A 109 -17.61 -0.56 0.04
C THR A 109 -18.87 -1.42 -0.09
N ALA A 110 -19.11 -1.95 -1.28
CA ALA A 110 -20.24 -2.88 -1.50
C ALA A 110 -20.08 -4.07 -0.54
N ARG A 111 -18.85 -4.62 -0.41
CA ARG A 111 -18.56 -5.75 0.50
C ARG A 111 -18.78 -5.39 1.97
N ILE A 112 -18.36 -4.17 2.38
CA ILE A 112 -18.60 -3.74 3.76
C ILE A 112 -20.10 -3.70 3.99
N LEU A 113 -20.88 -3.15 3.03
CA LEU A 113 -22.34 -3.08 3.20
C LEU A 113 -22.95 -4.47 3.40
N ALA A 114 -22.51 -5.44 2.58
CA ALA A 114 -22.97 -6.84 2.65
C ALA A 114 -22.64 -7.46 4.02
N LYS A 115 -21.40 -7.28 4.49
CA LYS A 115 -20.91 -7.79 5.78
C LYS A 115 -21.66 -7.17 6.97
N GLN A 116 -21.88 -5.83 6.97
CA GLN A 116 -22.59 -5.11 8.03
C GLN A 116 -23.99 -5.67 8.23
N LYS A 117 -24.73 -5.91 7.13
CA LYS A 117 -26.10 -6.42 7.14
C LYS A 117 -26.21 -7.81 7.75
N ILE A 118 -25.28 -8.71 7.39
CA ILE A 118 -25.30 -10.08 7.90
C ILE A 118 -24.88 -10.20 9.38
N HIS A 119 -23.71 -9.59 9.73
CA HIS A 119 -23.12 -9.63 11.07
C HIS A 119 -23.12 -8.23 11.72
N PRO A 120 -24.22 -7.77 12.34
CA PRO A 120 -24.19 -6.43 12.99
C PRO A 120 -23.23 -6.36 14.18
N GLU A 121 -23.06 -7.51 14.90
CA GLU A 121 -22.15 -7.65 16.05
C GLU A 121 -20.67 -7.57 15.63
N ARG A 122 -19.76 -7.31 16.60
CA ARG A 122 -18.32 -7.22 16.35
C ARG A 122 -17.76 -8.57 15.90
N THR A 123 -16.93 -8.57 14.84
CA THR A 123 -16.27 -9.75 14.29
C THR A 123 -14.88 -9.93 14.99
N PRO A 124 -14.12 -11.04 14.74
CA PRO A 124 -12.75 -11.17 15.28
C PRO A 124 -11.73 -10.14 14.75
N SER A 125 -12.07 -9.40 13.68
N SER A 125 -12.04 -9.42 13.63
CA SER A 125 -11.19 -8.36 13.13
CA SER A 125 -11.20 -8.36 13.06
C SER A 125 -11.46 -6.98 13.81
C SER A 125 -11.48 -6.98 13.75
N GLU A 126 -12.40 -6.99 14.76
CA GLU A 126 -12.88 -5.81 15.51
C GLU A 126 -12.82 -6.00 17.03
N LYS A 127 -11.78 -6.64 17.54
CA LYS A 127 -11.65 -6.84 19.00
C LYS A 127 -11.43 -5.53 19.75
N LEU A 128 -10.75 -4.55 19.12
CA LEU A 128 -10.41 -3.25 19.69
C LEU A 128 -11.10 -2.07 19.03
N LEU A 129 -11.30 -2.11 17.72
CA LEU A 129 -11.96 -1.03 17.00
C LEU A 129 -12.97 -1.60 15.97
N ALA A 130 -14.21 -1.13 15.99
CA ALA A 130 -15.19 -1.66 15.02
C ALA A 130 -15.40 -0.73 13.84
N VAL A 131 -15.85 -1.28 12.71
CA VAL A 131 -16.10 -0.45 11.50
C VAL A 131 -17.03 0.71 11.84
N ARG A 132 -18.09 0.42 12.61
CA ARG A 132 -19.09 1.43 13.00
C ARG A 132 -18.47 2.61 13.77
N GLU A 133 -17.30 2.40 14.42
CA GLU A 133 -16.59 3.42 15.20
C GLU A 133 -15.60 4.26 14.37
N PHE A 134 -15.30 3.85 13.13
CA PHE A 134 -14.32 4.56 12.28
C PHE A 134 -14.60 6.03 12.19
N GLU A 135 -13.51 6.82 12.26
CA GLU A 135 -13.55 8.26 12.03
C GLU A 135 -13.89 8.51 10.57
N SER A 136 -14.68 9.56 10.31
CA SER A 136 -15.06 9.88 8.95
C SER A 136 -14.58 11.29 8.52
N HIS A 137 -14.43 12.22 9.50
CA HIS A 137 -14.00 13.60 9.21
C HIS A 137 -14.92 14.33 8.21
N LEU A 138 -16.25 14.09 8.26
CA LEU A 138 -17.18 14.79 7.34
C LEU A 138 -17.08 16.30 7.42
N ASP A 139 -16.83 16.82 8.63
CA ASP A 139 -16.69 18.24 8.95
C ASP A 139 -15.45 18.89 8.34
N LYS A 140 -14.48 18.08 7.84
CA LYS A 140 -13.21 18.56 7.27
C LYS A 140 -13.10 18.40 5.76
N LEU A 141 -14.08 17.70 5.16
CA LEU A 141 -14.14 17.42 3.73
C LEU A 141 -14.35 18.70 2.95
N ASP A 142 -13.56 18.90 1.90
CA ASP A 142 -13.74 20.09 1.08
C ASP A 142 -14.72 19.75 -0.04
N ASN A 143 -15.05 20.73 -0.91
CA ASN A 143 -15.95 20.54 -2.06
C ASN A 143 -15.55 19.37 -2.96
N GLU A 144 -14.29 19.32 -3.45
CA GLU A 144 -13.83 18.23 -4.32
C GLU A 144 -14.01 16.85 -3.64
N LYS A 145 -13.62 16.73 -2.35
CA LYS A 145 -13.76 15.44 -1.65
C LYS A 145 -15.21 15.02 -1.52
N LYS A 146 -16.11 15.98 -1.25
CA LYS A 146 -17.55 15.69 -1.18
C LYS A 146 -18.07 15.21 -2.55
N ASP A 147 -17.64 15.88 -3.65
CA ASP A 147 -18.04 15.48 -5.01
C ASP A 147 -17.62 14.07 -5.35
N LEU A 148 -16.38 13.71 -4.97
CA LEU A 148 -15.82 12.37 -5.20
C LEU A 148 -16.65 11.28 -4.49
N ILE A 149 -17.03 11.51 -3.23
CA ILE A 149 -17.85 10.55 -2.49
C ILE A 149 -19.22 10.41 -3.20
N GLN A 150 -19.82 11.54 -3.62
CA GLN A 150 -21.12 11.50 -4.31
C GLN A 150 -21.05 10.74 -5.61
N SER A 151 -19.91 10.84 -6.29
CA SER A 151 -19.69 10.11 -7.54
C SER A 151 -19.62 8.62 -7.24
N ASP A 152 -18.93 8.24 -6.12
CA ASP A 152 -18.84 6.86 -5.66
C ASP A 152 -20.20 6.30 -5.26
N ILE A 153 -21.03 7.09 -4.61
CA ILE A 153 -22.37 6.60 -4.24
C ILE A 153 -23.21 6.31 -5.50
N ALA A 154 -23.19 7.22 -6.51
CA ALA A 154 -23.93 6.99 -7.77
C ALA A 154 -23.42 5.69 -8.43
N ALA A 155 -22.08 5.48 -8.48
CA ALA A 155 -21.48 4.26 -9.05
C ALA A 155 -21.94 3.00 -8.30
N LEU A 156 -22.03 3.08 -6.95
CA LEU A 156 -22.48 1.96 -6.12
C LEU A 156 -23.95 1.57 -6.46
N HIS A 157 -24.84 2.60 -6.62
CA HIS A 157 -26.24 2.36 -6.99
C HIS A 157 -26.26 1.73 -8.38
N GLN A 158 -25.49 2.32 -9.33
CA GLN A 158 -25.42 1.87 -10.71
C GLN A 158 -25.09 0.38 -10.83
N PHE A 159 -23.99 -0.04 -10.19
CA PHE A 159 -23.47 -1.39 -10.27
C PHE A 159 -23.98 -2.43 -9.28
N TYR A 160 -24.66 -2.02 -8.18
CA TYR A 160 -25.13 -2.97 -7.17
C TYR A 160 -26.62 -2.87 -6.79
N SER A 161 -27.38 -1.85 -7.28
CA SER A 161 -28.79 -1.68 -6.86
C SER A 161 -29.68 -2.92 -6.96
N LYS A 162 -29.44 -3.77 -7.98
CA LYS A 162 -30.23 -4.99 -8.19
C LYS A 162 -29.90 -6.13 -7.24
N TYR A 163 -28.70 -6.12 -6.62
CA TYR A 163 -28.26 -7.22 -5.75
C TYR A 163 -27.99 -6.84 -4.28
N LEU A 164 -28.01 -5.52 -3.97
CA LEU A 164 -27.70 -5.03 -2.63
C LEU A 164 -28.65 -3.93 -2.16
N GLU A 165 -29.20 -4.07 -0.94
CA GLU A 165 -30.06 -3.04 -0.34
C GLU A 165 -29.17 -2.03 0.39
N PHE A 166 -29.51 -0.74 0.27
CA PHE A 166 -28.69 0.33 0.81
C PHE A 166 -29.27 1.08 1.99
N PRO A 167 -28.40 1.54 2.94
CA PRO A 167 -28.88 2.47 3.96
C PRO A 167 -29.07 3.86 3.32
N ASP A 168 -29.55 4.85 4.09
CA ASP A 168 -29.78 6.19 3.53
C ASP A 168 -28.50 6.83 3.00
N HIS A 169 -28.68 7.85 2.16
CA HIS A 169 -27.60 8.58 1.50
C HIS A 169 -26.54 9.09 2.48
N SER A 170 -26.95 9.63 3.65
CA SER A 170 -26.01 10.16 4.64
C SER A 170 -25.12 9.08 5.25
N SER A 171 -25.68 7.87 5.45
CA SER A 171 -24.93 6.71 5.94
C SER A 171 -23.89 6.26 4.91
N LEU A 172 -24.21 6.39 3.60
CA LEU A 172 -23.27 6.00 2.54
C LEU A 172 -22.13 7.01 2.47
N VAL A 173 -22.46 8.31 2.67
CA VAL A 173 -21.47 9.37 2.72
C VAL A 173 -20.49 9.08 3.86
N VAL A 174 -21.01 8.76 5.06
CA VAL A 174 -20.17 8.43 6.22
C VAL A 174 -19.30 7.21 5.90
N LEU A 175 -19.92 6.15 5.31
CA LEU A 175 -19.15 4.93 5.00
C LEU A 175 -18.01 5.18 4.02
N PHE A 176 -18.26 5.82 2.85
CA PHE A 176 -17.14 6.11 1.95
C PHE A 176 -16.08 6.97 2.62
N ALA A 177 -16.49 7.92 3.47
CA ALA A 177 -15.51 8.79 4.16
C ALA A 177 -14.72 7.96 5.14
N GLN A 178 -15.34 6.97 5.81
CA GLN A 178 -14.61 6.09 6.76
C GLN A 178 -13.63 5.24 5.98
N VAL A 179 -14.02 4.75 4.81
CA VAL A 179 -13.09 3.94 3.97
C VAL A 179 -11.84 4.76 3.60
N ASN A 180 -12.02 6.04 3.29
CA ASN A 180 -10.89 6.88 2.91
C ASN A 180 -9.86 7.07 3.99
N CYS A 181 -10.28 7.19 5.28
N CYS A 181 -10.28 7.18 5.25
CA CYS A 181 -9.27 7.39 6.34
CA CYS A 181 -9.27 7.39 6.27
C CYS A 181 -8.95 6.15 7.17
C CYS A 181 -8.93 6.15 7.10
N ASN A 182 -9.46 4.97 6.74
CA ASN A 182 -9.19 3.74 7.48
C ASN A 182 -8.90 2.53 6.59
N GLY A 183 -8.88 2.71 5.28
CA GLY A 183 -8.65 1.63 4.33
C GLY A 183 -7.21 1.23 4.17
N PHE A 184 -7.00 0.00 3.67
CA PHE A 184 -5.66 -0.51 3.43
C PHE A 184 -5.56 -1.05 2.02
N THR A 185 -4.35 -1.16 1.52
CA THR A 185 -4.06 -1.83 0.26
C THR A 185 -3.13 -2.98 0.64
N ILE A 186 -3.25 -4.09 -0.06
CA ILE A 186 -2.42 -5.26 0.14
C ILE A 186 -1.46 -5.34 -1.05
N GLU A 187 -0.15 -5.40 -0.74
CA GLU A 187 0.91 -5.48 -1.75
C GLU A 187 1.61 -6.80 -1.56
N ASP A 188 2.14 -7.36 -2.65
CA ASP A 188 2.89 -8.62 -2.54
C ASP A 188 4.36 -8.38 -2.12
N GLU A 189 5.19 -9.43 -2.24
CA GLU A 189 6.59 -9.37 -1.81
C GLU A 189 7.46 -8.40 -2.65
N GLU A 190 7.01 -8.03 -3.84
CA GLU A 190 7.70 -7.04 -4.70
C GLU A 190 6.98 -5.70 -4.64
N LEU A 191 6.05 -5.55 -3.66
CA LEU A 191 5.24 -4.37 -3.46
C LEU A 191 4.26 -4.10 -4.62
N SER A 192 3.93 -5.15 -5.42
CA SER A 192 2.90 -5.02 -6.48
C SER A 192 1.52 -4.96 -5.82
N HIS A 193 0.64 -4.11 -6.31
CA HIS A 193 -0.72 -3.95 -5.77
C HIS A 193 -1.59 -5.21 -6.01
N LEU A 194 -2.07 -5.84 -4.93
CA LEU A 194 -2.98 -6.99 -5.03
C LEU A 194 -4.45 -6.66 -4.83
N GLY A 195 -4.74 -5.72 -3.95
CA GLY A 195 -6.13 -5.39 -3.69
C GLY A 195 -6.29 -4.42 -2.53
N SER A 196 -7.52 -4.22 -2.13
CA SER A 196 -7.90 -3.31 -1.08
C SER A 196 -8.63 -4.04 0.00
N ALA A 197 -8.49 -3.59 1.24
CA ALA A 197 -9.10 -4.28 2.37
C ALA A 197 -9.39 -3.34 3.53
N ILE A 198 -10.22 -3.80 4.47
CA ILE A 198 -10.56 -3.16 5.73
C ILE A 198 -10.03 -4.10 6.84
N PHE A 199 -9.19 -3.56 7.73
CA PHE A 199 -8.62 -4.28 8.87
C PHE A 199 -8.95 -3.40 10.08
N PRO A 200 -10.13 -3.54 10.69
CA PRO A 200 -10.52 -2.57 11.72
C PRO A 200 -9.53 -2.38 12.86
N ASP A 201 -9.05 -3.47 13.49
CA ASP A 201 -8.07 -3.31 14.60
C ASP A 201 -6.75 -2.69 14.12
N VAL A 202 -6.34 -2.96 12.86
CA VAL A 202 -5.11 -2.34 12.33
C VAL A 202 -5.36 -0.82 12.13
N ALA A 203 -6.62 -0.41 11.77
CA ALA A 203 -7.01 1.01 11.60
C ALA A 203 -6.91 1.84 12.90
N LEU A 204 -6.82 1.16 14.04
CA LEU A 204 -6.67 1.86 15.32
C LEU A 204 -5.30 2.52 15.45
N MET A 205 -4.25 1.93 14.82
CA MET A 205 -2.93 2.52 15.03
C MET A 205 -2.79 3.88 14.38
N ASN A 206 -2.23 4.83 15.13
CA ASN A 206 -1.93 6.17 14.62
C ASN A 206 -0.67 6.16 13.78
N HIS A 207 -0.40 7.27 13.10
CA HIS A 207 0.73 7.41 12.18
C HIS A 207 1.93 8.08 12.81
N SER A 208 3.12 7.65 12.37
CA SER A 208 4.36 8.32 12.64
C SER A 208 5.27 8.13 11.41
N CYS A 209 6.12 9.13 11.12
CA CYS A 209 7.11 9.01 10.04
C CYS A 209 8.33 8.22 10.55
N CYS A 210 8.34 7.89 11.85
N CYS A 210 8.37 7.88 11.86
CA CYS A 210 9.34 7.08 12.54
CA CYS A 210 9.39 7.01 12.44
C CYS A 210 8.53 5.92 13.16
C CYS A 210 8.57 5.89 13.14
N PRO A 211 7.90 5.03 12.33
CA PRO A 211 7.03 4.00 12.94
C PRO A 211 7.79 2.96 13.73
N ASN A 212 7.10 2.41 14.75
CA ASN A 212 7.71 1.34 15.53
C ASN A 212 7.18 -0.02 15.14
N VAL A 213 6.23 -0.07 14.16
CA VAL A 213 5.75 -1.36 13.64
C VAL A 213 5.63 -1.31 12.10
N ILE A 214 5.58 -2.49 11.49
CA ILE A 214 5.31 -2.64 10.07
C ILE A 214 4.18 -3.64 9.90
N VAL A 215 3.23 -3.30 9.02
CA VAL A 215 2.13 -4.17 8.63
C VAL A 215 2.55 -4.99 7.38
N THR A 216 2.38 -6.30 7.45
CA THR A 216 2.63 -7.20 6.32
C THR A 216 1.41 -8.09 6.16
N TYR A 217 1.37 -8.91 5.09
CA TYR A 217 0.20 -9.75 4.88
C TYR A 217 0.58 -11.18 4.58
N LYS A 218 -0.21 -12.10 5.11
CA LYS A 218 -0.07 -13.56 4.90
C LYS A 218 -1.43 -13.87 4.27
N GLY A 219 -1.49 -13.73 2.95
CA GLY A 219 -2.74 -13.83 2.20
C GLY A 219 -3.51 -12.55 2.46
N THR A 220 -4.66 -12.64 3.13
CA THR A 220 -5.45 -11.44 3.50
C THR A 220 -5.40 -11.23 5.02
N LEU A 221 -4.51 -11.95 5.70
CA LEU A 221 -4.35 -11.77 7.14
C LEU A 221 -3.29 -10.68 7.34
N ALA A 222 -3.63 -9.59 8.04
CA ALA A 222 -2.61 -8.55 8.33
C ALA A 222 -1.83 -8.97 9.56
N GLU A 223 -0.52 -8.77 9.53
CA GLU A 223 0.36 -9.07 10.67
C GLU A 223 1.13 -7.78 11.00
N VAL A 224 1.28 -7.48 12.31
CA VAL A 224 1.92 -6.26 12.81
C VAL A 224 3.12 -6.68 13.67
N ARG A 225 4.33 -6.30 13.21
CA ARG A 225 5.61 -6.64 13.89
C ARG A 225 6.40 -5.41 14.26
N ALA A 226 7.09 -5.45 15.41
CA ALA A 226 7.91 -4.34 15.88
C ALA A 226 9.18 -4.19 15.05
N VAL A 227 9.51 -2.92 14.72
CA VAL A 227 10.74 -2.58 13.99
C VAL A 227 11.69 -1.80 14.85
N GLN A 228 11.27 -1.52 16.09
CA GLN A 228 12.15 -0.99 17.13
C GLN A 228 11.63 -1.47 18.46
N GLU A 229 12.35 -1.21 19.58
CA GLU A 229 11.77 -1.62 20.86
C GLU A 229 10.51 -0.83 21.11
N ILE A 230 9.49 -1.49 21.65
CA ILE A 230 8.26 -0.85 22.02
C ILE A 230 8.19 -1.11 23.51
N HIS A 231 8.29 -0.05 24.27
CA HIS A 231 8.38 -0.15 25.75
C HIS A 231 6.97 -0.16 26.35
N PRO A 232 6.77 -0.77 27.54
CA PRO A 232 5.42 -0.76 28.14
C PRO A 232 4.91 0.65 28.28
N GLY A 233 3.67 0.84 27.87
CA GLY A 233 3.02 2.14 27.87
C GLY A 233 3.19 2.90 26.58
N ASP A 234 4.10 2.47 25.67
CA ASP A 234 4.31 3.21 24.42
C ASP A 234 3.13 3.06 23.47
N GLU A 235 2.88 4.11 22.70
CA GLU A 235 1.88 4.05 21.64
C GLU A 235 2.56 3.32 20.46
N VAL A 236 1.75 2.54 19.77
CA VAL A 236 2.14 1.73 18.59
C VAL A 236 1.75 2.57 17.38
N PHE A 237 2.76 2.86 16.53
CA PHE A 237 2.62 3.72 15.35
C PHE A 237 3.05 2.99 14.11
N THR A 238 2.23 3.10 13.08
CA THR A 238 2.63 2.56 11.79
C THR A 238 2.87 3.79 10.89
N SER A 239 3.32 3.65 9.63
CA SER A 239 3.39 4.81 8.72
C SER A 239 2.25 4.60 7.71
N TYR A 240 1.45 5.63 7.47
CA TYR A 240 0.32 5.52 6.54
C TYR A 240 0.79 5.79 5.11
N ILE A 241 2.02 6.33 4.96
CA ILE A 241 2.49 6.80 3.68
C ILE A 241 3.90 6.38 3.35
N ASP A 242 4.30 6.69 2.13
CA ASP A 242 5.64 6.40 1.62
C ASP A 242 6.60 7.39 2.25
N LEU A 243 7.54 6.84 3.03
CA LEU A 243 8.49 7.65 3.80
C LEU A 243 9.62 8.22 2.97
N LEU A 244 9.67 7.92 1.68
CA LEU A 244 10.77 8.40 0.81
C LEU A 244 10.78 9.93 0.65
N TYR A 245 9.59 10.54 0.66
CA TYR A 245 9.43 11.95 0.35
C TYR A 245 9.79 12.94 1.45
N PRO A 246 10.10 14.21 1.06
CA PRO A 246 10.44 15.23 2.07
C PRO A 246 9.27 15.59 2.96
N THR A 247 9.53 16.23 4.11
CA THR A 247 8.49 16.57 5.10
C THR A 247 7.24 17.23 4.53
N GLU A 248 7.40 18.25 3.67
CA GLU A 248 6.26 18.95 3.11
C GLU A 248 5.38 18.05 2.29
N ASP A 249 5.99 17.16 1.44
CA ASP A 249 5.24 16.21 0.61
C ASP A 249 4.44 15.23 1.50
N ARG A 250 5.10 14.67 2.52
CA ARG A 250 4.44 13.70 3.43
C ARG A 250 3.24 14.37 4.10
N ASN A 251 3.42 15.60 4.62
CA ASN A 251 2.33 16.29 5.30
C ASN A 251 1.19 16.74 4.41
N ASP A 252 1.48 17.07 3.15
CA ASP A 252 0.45 17.40 2.16
C ASP A 252 -0.42 16.15 1.91
N ARG A 253 0.22 14.97 1.86
CA ARG A 253 -0.49 13.69 1.70
C ARG A 253 -1.30 13.35 2.97
N LEU A 254 -0.73 13.51 4.19
CA LEU A 254 -1.43 13.23 5.43
C LEU A 254 -2.63 14.15 5.61
N ARG A 255 -2.49 15.45 5.29
CA ARG A 255 -3.62 16.39 5.40
C ARG A 255 -4.71 16.04 4.41
N ASP A 256 -4.32 15.69 3.18
CA ASP A 256 -5.24 15.35 2.08
C ASP A 256 -6.08 14.10 2.32
N SER A 257 -5.47 13.02 2.83
CA SER A 257 -6.18 11.76 3.03
C SER A 257 -6.67 11.51 4.46
N TYR A 258 -5.98 12.04 5.49
CA TYR A 258 -6.22 11.73 6.90
C TYR A 258 -6.55 12.91 7.79
N PHE A 259 -6.56 14.10 7.20
CA PHE A 259 -6.99 15.33 7.88
C PHE A 259 -6.21 15.68 9.13
N PHE A 260 -4.87 15.52 9.08
CA PHE A 260 -4.03 15.91 10.21
C PHE A 260 -2.64 16.26 9.68
N THR A 261 -1.91 17.02 10.47
CA THR A 261 -0.50 17.36 10.21
C THR A 261 0.34 16.58 11.21
N CYS A 262 1.33 15.84 10.71
CA CYS A 262 2.19 15.06 11.58
C CYS A 262 3.15 15.93 12.38
N GLU A 263 3.36 15.59 13.65
CA GLU A 263 4.30 16.31 14.53
C GLU A 263 5.39 15.39 15.08
N CYS A 264 5.72 14.30 14.34
CA CYS A 264 6.75 13.36 14.79
C CYS A 264 8.15 14.06 14.75
N ARG A 265 9.15 13.41 15.31
CA ARG A 265 10.54 13.89 15.35
C ARG A 265 11.06 14.25 13.96
N GLU A 266 10.83 13.38 12.95
CA GLU A 266 11.27 13.61 11.58
C GLU A 266 10.58 14.83 10.98
N CYS A 267 9.29 15.05 11.32
CA CYS A 267 8.54 16.19 10.81
C CYS A 267 8.92 17.46 11.50
N THR A 268 9.38 17.35 12.76
CA THR A 268 9.77 18.51 13.58
C THR A 268 11.19 18.97 13.20
N THR A 269 12.14 18.05 13.09
CA THR A 269 13.54 18.37 12.77
C THR A 269 13.81 18.50 11.25
N LYS A 270 13.07 17.73 10.38
CA LYS A 270 13.24 17.77 8.92
C LYS A 270 14.67 17.37 8.45
N ASP A 271 15.44 16.70 9.33
CA ASP A 271 16.81 16.24 9.14
C ASP A 271 17.08 15.56 7.80
N LYS A 272 16.13 14.68 7.38
CA LYS A 272 16.33 13.94 6.14
C LYS A 272 16.10 14.75 4.88
N ASP A 273 15.40 15.91 4.97
CA ASP A 273 15.07 16.70 3.77
C ASP A 273 16.26 17.10 2.94
N LYS A 274 17.39 17.51 3.57
CA LYS A 274 18.59 17.91 2.80
C LYS A 274 19.04 16.83 1.81
N ALA A 275 19.22 15.58 2.27
CA ALA A 275 19.65 14.48 1.40
C ALA A 275 18.55 14.02 0.41
N LYS A 276 17.29 14.12 0.82
CA LYS A 276 16.17 13.76 -0.07
C LYS A 276 16.08 14.68 -1.31
N VAL A 277 16.31 16.00 -1.18
CA VAL A 277 16.25 16.94 -2.31
C VAL A 277 17.70 17.26 -2.74
N GLU A 278 18.51 16.21 -2.93
CA GLU A 278 19.93 16.38 -3.25
C GLU A 278 20.16 17.07 -4.59
N VAL A 279 21.08 18.04 -4.61
CA VAL A 279 21.42 18.81 -5.80
C VAL A 279 22.83 18.44 -6.27
N ARG A 280 23.14 18.64 -7.56
CA ARG A 280 24.50 18.30 -7.98
C ARG A 280 25.51 19.44 -7.85
N LYS A 281 26.72 19.08 -7.40
CA LYS A 281 27.82 20.02 -7.16
C LYS A 281 28.40 20.52 -8.47
N LEU A 282 27.95 21.71 -8.89
CA LEU A 282 28.34 22.35 -10.15
C LEU A 282 29.11 23.64 -9.90
N SER A 283 29.60 24.27 -10.99
CA SER A 283 30.37 25.53 -10.95
C SER A 283 29.59 26.66 -10.29
N SER A 284 28.27 26.77 -10.57
CA SER A 284 27.36 27.81 -10.07
C SER A 284 27.29 28.05 -8.53
N PRO A 285 26.63 27.25 -7.61
CA PRO A 285 25.78 26.06 -7.79
C PRO A 285 24.28 26.45 -7.93
N PRO A 286 23.26 25.53 -7.86
CA PRO A 286 21.87 25.99 -8.04
C PRO A 286 21.40 26.93 -6.94
N GLN A 287 20.71 28.01 -7.35
CA GLN A 287 20.15 29.02 -6.46
C GLN A 287 18.87 28.42 -5.86
N ALA A 288 18.47 28.86 -4.64
CA ALA A 288 17.26 28.35 -3.99
C ALA A 288 16.02 28.41 -4.92
N GLU A 289 15.81 29.56 -5.61
CA GLU A 289 14.69 29.74 -6.54
C GLU A 289 14.69 28.66 -7.64
N ALA A 290 15.85 28.37 -8.23
CA ALA A 290 16.00 27.35 -9.28
C ALA A 290 15.66 25.92 -8.71
N ILE A 291 16.08 25.64 -7.45
CA ILE A 291 15.77 24.36 -6.77
C ILE A 291 14.25 24.26 -6.57
N ARG A 292 13.61 25.35 -6.06
CA ARG A 292 12.15 25.42 -5.90
C ARG A 292 11.41 25.13 -7.21
N ASP A 293 11.93 25.65 -8.35
CA ASP A 293 11.35 25.43 -9.68
C ASP A 293 11.45 23.96 -10.11
N MET A 294 12.61 23.31 -9.86
CA MET A 294 12.80 21.91 -10.21
C MET A 294 11.93 21.01 -9.30
N VAL A 295 11.75 21.40 -8.03
CA VAL A 295 10.88 20.66 -7.07
C VAL A 295 9.44 20.71 -7.58
N ARG A 296 9.00 21.91 -8.04
CA ARG A 296 7.67 22.12 -8.62
C ARG A 296 7.55 21.33 -9.93
N TYR A 297 8.61 21.30 -10.76
CA TYR A 297 8.61 20.53 -12.02
C TYR A 297 8.45 19.04 -11.67
N ALA A 298 9.23 18.58 -10.68
CA ALA A 298 9.24 17.21 -10.18
C ALA A 298 7.89 16.78 -9.66
N ARG A 299 7.25 17.60 -8.80
CA ARG A 299 5.95 17.25 -8.25
C ARG A 299 4.87 17.27 -9.35
N ASN A 300 5.14 18.01 -10.46
CA ASN A 300 4.21 18.06 -11.59
C ASN A 300 4.40 16.89 -12.52
N VAL A 301 5.65 16.46 -12.78
CA VAL A 301 5.90 15.31 -13.65
C VAL A 301 5.35 14.03 -13.01
N ILE A 302 5.32 13.98 -11.65
CA ILE A 302 4.70 12.88 -10.91
C ILE A 302 3.25 12.77 -11.40
N GLU A 303 2.55 13.93 -11.46
CA GLU A 303 1.17 14.04 -11.92
C GLU A 303 1.04 13.82 -13.43
N GLU A 304 2.03 14.32 -14.23
CA GLU A 304 2.07 14.16 -15.70
C GLU A 304 2.09 12.69 -16.05
N PHE A 305 2.93 11.91 -15.34
CA PHE A 305 3.08 10.47 -15.54
C PHE A 305 1.76 9.75 -15.28
N ARG A 306 1.09 10.06 -14.14
CA ARG A 306 -0.19 9.44 -13.77
C ARG A 306 -1.27 9.72 -14.82
N ARG A 307 -1.36 10.97 -15.30
CA ARG A 307 -2.31 11.38 -16.33
C ARG A 307 -2.01 10.64 -17.64
N ALA A 308 -0.72 10.55 -18.03
CA ALA A 308 -0.29 9.92 -19.29
C ALA A 308 -0.63 8.44 -19.44
N LYS A 309 -0.95 7.73 -18.32
CA LYS A 309 -1.32 6.30 -18.34
C LYS A 309 -2.59 6.07 -19.20
N HIS A 310 -3.44 7.10 -19.35
CA HIS A 310 -4.71 7.05 -20.09
C HIS A 310 -4.57 7.22 -21.61
N TYR A 311 -3.51 7.91 -22.08
CA TYR A 311 -3.38 8.18 -23.53
C TYR A 311 -2.08 7.73 -24.14
N LYS A 312 -1.07 7.43 -23.31
CA LYS A 312 0.24 7.01 -23.79
C LYS A 312 0.52 5.52 -23.61
N SER A 313 1.37 4.98 -24.50
CA SER A 313 1.78 3.60 -24.49
C SER A 313 2.86 3.44 -23.39
N PRO A 314 3.14 2.19 -22.92
CA PRO A 314 4.22 2.01 -21.93
C PRO A 314 5.54 2.64 -22.43
N SER A 315 5.83 2.46 -23.73
CA SER A 315 7.02 2.97 -24.43
C SER A 315 7.15 4.51 -24.30
N GLU A 316 5.99 5.20 -24.36
CA GLU A 316 5.86 6.63 -24.24
C GLU A 316 6.06 7.05 -22.80
N LEU A 317 5.41 6.31 -21.85
CA LEU A 317 5.53 6.58 -20.41
C LEU A 317 6.98 6.51 -19.99
N LEU A 318 7.74 5.52 -20.54
CA LEU A 318 9.19 5.35 -20.33
C LEU A 318 9.93 6.65 -20.75
N GLU A 319 9.57 7.23 -21.94
CA GLU A 319 10.15 8.46 -22.45
C GLU A 319 9.91 9.63 -21.49
N ILE A 320 8.69 9.76 -20.90
CA ILE A 320 8.41 10.79 -19.87
C ILE A 320 9.43 10.68 -18.73
N CYS A 321 9.69 9.44 -18.28
CA CYS A 321 10.65 9.17 -17.21
C CYS A 321 12.06 9.54 -17.68
N GLU A 322 12.44 9.19 -18.95
CA GLU A 322 13.78 9.44 -19.50
C GLU A 322 14.04 10.94 -19.62
N LEU A 323 13.02 11.65 -20.14
CA LEU A 323 12.90 13.09 -20.37
C LEU A 323 13.16 13.83 -19.06
N SER A 324 12.32 13.51 -18.03
CA SER A 324 12.37 14.09 -16.68
C SER A 324 13.69 13.91 -16.02
N GLN A 325 14.23 12.67 -16.00
CA GLN A 325 15.54 12.40 -15.38
C GLN A 325 16.64 13.26 -15.99
N GLU A 326 16.69 13.38 -17.34
CA GLU A 326 17.66 14.20 -18.07
C GLU A 326 17.54 15.69 -17.63
N LYS A 327 16.33 16.25 -17.68
CA LYS A 327 16.03 17.64 -17.29
C LYS A 327 16.38 17.92 -15.83
N MET A 328 15.90 17.04 -14.91
CA MET A 328 16.11 17.21 -13.49
C MET A 328 17.56 17.10 -13.13
N SER A 329 18.37 16.30 -13.90
CA SER A 329 19.79 16.07 -13.62
C SER A 329 20.69 17.30 -13.79
N SER A 330 20.16 18.38 -14.35
CA SER A 330 20.89 19.66 -14.46
C SER A 330 21.01 20.25 -13.05
N VAL A 331 19.97 19.99 -12.19
CA VAL A 331 19.91 20.48 -10.81
C VAL A 331 20.09 19.32 -9.82
N PHE A 332 19.33 18.23 -10.01
CA PHE A 332 19.25 17.11 -9.10
C PHE A 332 20.28 15.99 -9.24
N GLU A 333 20.77 15.52 -8.11
CA GLU A 333 21.65 14.35 -8.04
C GLU A 333 20.77 13.09 -8.26
N ASP A 334 21.36 11.98 -8.70
CA ASP A 334 20.59 10.74 -8.94
C ASP A 334 19.92 10.23 -7.66
N SER A 335 20.52 10.55 -6.49
CA SER A 335 20.01 10.17 -5.17
C SER A 335 18.79 10.98 -4.72
N ASN A 336 18.45 12.06 -5.44
CA ASN A 336 17.30 12.93 -5.13
C ASN A 336 15.99 12.12 -5.29
N VAL A 337 15.08 12.24 -4.32
CA VAL A 337 13.85 11.45 -4.32
C VAL A 337 12.96 11.59 -5.54
N TYR A 338 12.99 12.75 -6.19
CA TYR A 338 12.18 12.99 -7.38
C TYR A 338 12.78 12.27 -8.57
N MET A 339 14.13 12.16 -8.61
CA MET A 339 14.85 11.38 -9.62
C MET A 339 14.49 9.90 -9.39
N LEU A 340 14.50 9.45 -8.11
CA LEU A 340 14.19 8.08 -7.76
C LEU A 340 12.77 7.71 -8.10
N HIS A 341 11.81 8.66 -7.94
CA HIS A 341 10.40 8.39 -8.24
C HIS A 341 10.28 8.05 -9.72
N MET A 342 10.91 8.87 -10.59
CA MET A 342 10.91 8.62 -12.05
C MET A 342 11.64 7.35 -12.45
N MET A 343 12.81 7.03 -11.82
CA MET A 343 13.55 5.79 -12.09
C MET A 343 12.73 4.58 -11.68
N TYR A 344 12.01 4.68 -10.54
CA TYR A 344 11.18 3.57 -10.05
C TYR A 344 10.03 3.31 -11.06
N GLN A 345 9.33 4.40 -11.48
CA GLN A 345 8.24 4.30 -12.46
C GLN A 345 8.80 3.71 -13.78
N ALA A 346 9.98 4.20 -14.23
CA ALA A 346 10.65 3.69 -15.45
C ALA A 346 10.98 2.20 -15.31
N MET A 347 11.47 1.75 -14.13
CA MET A 347 11.74 0.33 -13.89
C MET A 347 10.46 -0.50 -14.08
N GLY A 348 9.34 -0.04 -13.54
CA GLY A 348 8.05 -0.72 -13.67
C GLY A 348 7.63 -0.84 -15.14
N VAL A 349 7.84 0.23 -15.93
CA VAL A 349 7.51 0.20 -17.36
C VAL A 349 8.41 -0.84 -18.06
N CYS A 350 9.73 -0.80 -17.77
CA CYS A 350 10.71 -1.77 -18.28
C CYS A 350 10.29 -3.19 -17.98
N LEU A 351 9.86 -3.46 -16.73
CA LEU A 351 9.44 -4.80 -16.32
C LEU A 351 8.23 -5.26 -17.14
N TYR A 352 7.28 -4.35 -17.37
CA TYR A 352 6.06 -4.56 -18.16
C TYR A 352 6.41 -4.86 -19.61
N MET A 353 7.36 -4.09 -20.21
CA MET A 353 7.76 -4.37 -21.60
C MET A 353 8.80 -5.48 -21.81
N GLN A 354 9.03 -6.31 -20.77
CA GLN A 354 9.95 -7.45 -20.80
C GLN A 354 11.41 -7.01 -20.99
N ASP A 355 11.72 -5.73 -20.71
CA ASP A 355 13.07 -5.19 -20.84
C ASP A 355 13.79 -5.42 -19.51
N TRP A 356 14.21 -6.66 -19.28
CA TRP A 356 14.90 -7.11 -18.08
C TRP A 356 16.17 -6.32 -17.78
N GLU A 357 16.97 -6.08 -18.83
CA GLU A 357 18.22 -5.32 -18.72
C GLU A 357 18.02 -3.87 -18.32
N GLY A 358 17.03 -3.22 -18.92
CA GLY A 358 16.65 -1.83 -18.65
C GLY A 358 16.16 -1.73 -17.22
N ALA A 359 15.34 -2.72 -16.78
CA ALA A 359 14.84 -2.74 -15.40
C ALA A 359 16.00 -2.94 -14.43
N LEU A 360 16.98 -3.80 -14.78
CA LEU A 360 18.10 -4.08 -13.88
C LEU A 360 18.95 -2.84 -13.70
N LYS A 361 19.20 -2.09 -14.78
CA LYS A 361 20.01 -0.88 -14.68
C LYS A 361 19.34 0.17 -13.80
N TYR A 362 17.98 0.29 -13.86
CA TYR A 362 17.26 1.21 -12.99
C TYR A 362 17.38 0.76 -11.53
N GLY A 363 17.16 -0.54 -11.29
CA GLY A 363 17.25 -1.13 -9.95
C GLY A 363 18.59 -0.86 -9.32
N GLN A 364 19.66 -1.00 -10.13
CA GLN A 364 21.02 -0.77 -9.63
C GLN A 364 21.26 0.67 -9.21
N LYS A 365 20.55 1.64 -9.84
CA LYS A 365 20.67 3.07 -9.48
C LYS A 365 19.80 3.44 -8.25
N ILE A 366 18.71 2.73 -8.03
CA ILE A 366 17.74 3.05 -6.96
C ILE A 366 18.17 2.53 -5.58
N ILE A 367 18.74 1.31 -5.55
CA ILE A 367 19.03 0.59 -4.30
C ILE A 367 19.83 1.38 -3.25
N LYS A 368 21.00 1.96 -3.61
CA LYS A 368 21.79 2.71 -2.63
C LYS A 368 21.01 3.90 -2.02
N PRO A 369 20.46 4.87 -2.81
CA PRO A 369 19.65 5.93 -2.20
C PRO A 369 18.43 5.42 -1.42
N TYR A 370 17.78 4.30 -1.84
CA TYR A 370 16.66 3.75 -1.05
C TYR A 370 17.14 3.34 0.33
N SER A 371 18.32 2.67 0.41
N SER A 371 18.30 2.65 0.42
CA SER A 371 18.93 2.20 1.67
CA SER A 371 18.85 2.20 1.73
C SER A 371 19.20 3.37 2.61
C SER A 371 19.16 3.39 2.65
N LYS A 372 19.51 4.55 2.06
CA LYS A 372 19.79 5.76 2.85
C LYS A 372 18.54 6.47 3.30
N HIS A 373 17.58 6.63 2.38
CA HIS A 373 16.41 7.41 2.68
C HIS A 373 15.39 6.72 3.55
N TYR A 374 15.21 5.41 3.36
CA TYR A 374 14.20 4.66 4.11
C TYR A 374 14.74 4.15 5.44
N PRO A 375 13.82 3.78 6.38
CA PRO A 375 14.27 3.16 7.63
C PRO A 375 15.04 1.85 7.41
N VAL A 376 15.78 1.39 8.44
CA VAL A 376 16.55 0.16 8.47
C VAL A 376 15.72 -1.04 8.01
N TYR A 377 14.49 -1.15 8.53
CA TYR A 377 13.57 -2.18 8.12
C TYR A 377 12.50 -1.41 7.37
N SER A 378 12.55 -1.57 6.07
CA SER A 378 11.62 -0.93 5.16
C SER A 378 11.19 -2.00 4.13
N LEU A 379 9.87 -2.11 3.85
CA LEU A 379 9.41 -3.04 2.83
C LEU A 379 9.86 -2.57 1.47
N ASN A 380 10.05 -1.24 1.31
CA ASN A 380 10.47 -0.69 0.00
C ASN A 380 11.89 -1.10 -0.32
N VAL A 381 12.75 -1.13 0.69
CA VAL A 381 14.14 -1.53 0.49
C VAL A 381 14.18 -3.05 0.27
N ALA A 382 13.44 -3.82 1.11
CA ALA A 382 13.41 -5.29 0.96
C ALA A 382 12.93 -5.68 -0.43
N SER A 383 11.86 -5.01 -0.91
CA SER A 383 11.27 -5.32 -2.22
C SER A 383 12.21 -4.98 -3.35
N MET A 384 12.97 -3.89 -3.20
CA MET A 384 13.94 -3.47 -4.22
C MET A 384 15.07 -4.52 -4.28
N TRP A 385 15.63 -4.94 -3.11
CA TRP A 385 16.65 -6.00 -3.16
C TRP A 385 16.09 -7.28 -3.82
N LEU A 386 14.85 -7.63 -3.48
CA LEU A 386 14.22 -8.83 -4.04
C LEU A 386 14.08 -8.73 -5.57
N LYS A 387 13.58 -7.61 -6.08
CA LYS A 387 13.37 -7.40 -7.54
C LYS A 387 14.75 -7.48 -8.25
N LEU A 388 15.77 -6.83 -7.68
CA LEU A 388 17.14 -6.87 -8.17
C LEU A 388 17.69 -8.30 -8.20
N GLY A 389 17.49 -9.04 -7.10
CA GLY A 389 17.90 -10.43 -6.97
C GLY A 389 17.23 -11.28 -8.04
N ARG A 390 15.90 -11.08 -8.21
CA ARG A 390 15.15 -11.85 -9.22
C ARG A 390 15.56 -11.54 -10.64
N LEU A 391 15.95 -10.27 -10.93
CA LEU A 391 16.43 -9.86 -12.26
C LEU A 391 17.78 -10.52 -12.56
N TYR A 392 18.73 -10.43 -11.62
CA TYR A 392 20.03 -11.09 -11.77
C TYR A 392 19.84 -12.59 -12.00
N MET A 393 19.00 -13.28 -11.18
CA MET A 393 18.72 -14.73 -11.26
C MET A 393 18.19 -15.10 -12.62
N GLY A 394 17.31 -14.24 -13.14
CA GLY A 394 16.68 -14.41 -14.45
C GLY A 394 17.65 -14.14 -15.57
N LEU A 395 18.63 -13.26 -15.32
CA LEU A 395 19.65 -12.84 -16.28
C LEU A 395 20.97 -13.64 -16.12
N GLU A 396 20.87 -14.83 -15.51
CA GLU A 396 21.97 -15.79 -15.31
C GLU A 396 23.15 -15.31 -14.44
N ASN A 397 22.89 -14.37 -13.48
CA ASN A 397 23.94 -13.89 -12.57
C ASN A 397 23.55 -14.31 -11.17
N LYS A 398 23.78 -15.58 -10.89
CA LYS A 398 23.42 -16.22 -9.64
C LYS A 398 24.17 -15.68 -8.44
N ALA A 399 25.45 -15.28 -8.60
CA ALA A 399 26.26 -14.74 -7.53
C ALA A 399 25.67 -13.43 -6.99
N ALA A 400 25.35 -12.49 -7.89
CA ALA A 400 24.77 -11.19 -7.51
C ALA A 400 23.32 -11.39 -7.08
N GLY A 401 22.64 -12.33 -7.76
CA GLY A 401 21.26 -12.69 -7.45
C GLY A 401 21.10 -13.17 -6.04
N GLU A 402 21.93 -14.15 -5.64
CA GLU A 402 21.86 -14.71 -4.30
C GLU A 402 22.14 -13.71 -3.22
N LYS A 403 23.12 -12.82 -3.46
CA LYS A 403 23.48 -11.78 -2.48
C LYS A 403 22.34 -10.82 -2.27
N ALA A 404 21.69 -10.41 -3.36
CA ALA A 404 20.52 -9.50 -3.29
C ALA A 404 19.32 -10.18 -2.61
N LEU A 405 19.04 -11.48 -2.91
CA LEU A 405 17.91 -12.18 -2.28
C LEU A 405 18.13 -12.30 -0.78
N LYS A 406 19.40 -12.56 -0.38
CA LYS A 406 19.80 -12.66 1.03
C LYS A 406 19.60 -11.34 1.77
N LYS A 407 19.87 -10.20 1.11
CA LYS A 407 19.65 -8.86 1.71
C LYS A 407 18.15 -8.67 1.91
N ALA A 408 17.30 -9.12 0.93
CA ALA A 408 15.83 -9.03 1.08
C ALA A 408 15.35 -9.90 2.22
N ILE A 409 15.81 -11.17 2.30
CA ILE A 409 15.42 -12.10 3.38
C ILE A 409 15.71 -11.51 4.75
N ALA A 410 16.90 -10.89 4.94
CA ALA A 410 17.31 -10.35 6.23
C ALA A 410 16.35 -9.29 6.77
N ILE A 411 15.77 -8.46 5.88
CA ILE A 411 14.80 -7.44 6.31
C ILE A 411 13.46 -8.12 6.52
N MET A 412 13.08 -8.99 5.57
CA MET A 412 11.81 -9.70 5.61
C MET A 412 11.70 -10.58 6.83
N GLU A 413 12.81 -11.12 7.34
CA GLU A 413 12.73 -11.93 8.56
C GLU A 413 12.17 -11.11 9.72
N VAL A 414 12.54 -9.82 9.78
CA VAL A 414 12.04 -8.92 10.83
C VAL A 414 10.58 -8.53 10.57
N ALA A 415 10.32 -7.97 9.38
CA ALA A 415 9.02 -7.42 9.03
C ALA A 415 7.92 -8.48 8.80
N HIS A 416 8.22 -9.57 8.07
CA HIS A 416 7.24 -10.60 7.72
C HIS A 416 7.24 -11.81 8.70
N GLY A 417 8.30 -11.94 9.48
CA GLY A 417 8.46 -13.07 10.40
C GLY A 417 9.34 -14.13 9.74
N LYS A 418 10.20 -14.82 10.52
CA LYS A 418 11.12 -15.80 9.93
C LYS A 418 10.42 -16.93 9.15
N ASP A 419 9.23 -17.30 9.60
CA ASP A 419 8.45 -18.40 9.02
C ASP A 419 7.53 -17.99 7.87
N HIS A 420 7.58 -16.74 7.41
CA HIS A 420 6.68 -16.32 6.33
C HIS A 420 6.86 -17.15 5.06
N PRO A 421 5.75 -17.54 4.39
CA PRO A 421 5.88 -18.30 3.12
C PRO A 421 6.71 -17.60 2.04
N TYR A 422 6.76 -16.23 2.03
CA TYR A 422 7.60 -15.50 1.08
C TYR A 422 9.07 -15.84 1.29
N ILE A 423 9.48 -16.06 2.56
CA ILE A 423 10.89 -16.36 2.85
C ILE A 423 11.27 -17.75 2.31
N SER A 424 10.41 -18.74 2.59
CA SER A 424 10.55 -20.13 2.09
C SER A 424 10.62 -20.14 0.57
N GLU A 425 9.77 -19.33 -0.12
CA GLU A 425 9.76 -19.18 -1.57
C GLU A 425 11.13 -18.69 -2.09
N ILE A 426 11.67 -17.64 -1.46
CA ILE A 426 12.95 -17.05 -1.89
C ILE A 426 14.10 -18.03 -1.63
N LYS A 427 14.08 -18.70 -0.48
CA LYS A 427 15.11 -19.70 -0.16
C LYS A 427 15.09 -20.83 -1.20
N GLN A 428 13.87 -21.24 -1.65
CA GLN A 428 13.70 -22.25 -2.70
C GLN A 428 14.20 -21.75 -4.07
N GLU A 429 14.25 -20.41 -4.28
CA GLU A 429 14.79 -19.78 -5.51
C GLU A 429 16.32 -19.81 -5.50
N ILE A 430 16.93 -19.74 -4.30
CA ILE A 430 18.38 -19.76 -4.11
C ILE A 430 18.88 -21.19 -4.39
N GLU A 431 18.13 -22.21 -3.90
CA GLU A 431 18.46 -23.62 -4.08
C GLU A 431 18.34 -24.12 -5.52
N SER A 432 17.18 -23.86 -6.18
CA SER A 432 16.91 -24.27 -7.56
C SER A 432 17.38 -23.22 -8.58
#